data_3P8R
#
_entry.id   3P8R
#
_cell.length_a   79.588
_cell.length_b   79.588
_cell.length_c   215.315
_cell.angle_alpha   90.00
_cell.angle_beta   90.00
_cell.angle_gamma   120.00
#
_symmetry.space_group_name_H-M   'P 61 2 2'
#
loop_
_entity.id
_entity.type
_entity.pdbx_description
1 polymer Geranyltranstransferase
2 water water
#
_entity_poly.entity_id   1
_entity_poly.type   'polypeptide(L)'
_entity_poly.pdbx_seq_one_letter_code
;MAHHHHHHSLEALSSYQQRNNQQLDQWLNRIPFQTLPLIEAMRYGLLLGGKRARPYLVYITGQMLGCELSDLDTPASAVE
CIHAYSLIHDDLPAMDDDELRRGKPTCHIQFDEATAILTGDALQTLAFTILAEGDLSAAGETQRVAMLQALAEASGAQGM
CLGQALDLAAENRLISLEELETIHRNKTGALMRCAIRLGALAAGEKGRAMLPHLDRYAEAVGLAFQVQDDILDIISDTET
LGKPQGSDQELNKSTYPALLGLEGAQQKAHTLLQEALLALEAIPYNTEHLEEFARYVVERKN
;
_entity_poly.pdbx_strand_id   A
#
# COMPACT_ATOMS: atom_id res chain seq x y z
N HIS A 6 -2.86 -4.91 18.47
CA HIS A 6 -2.94 -4.53 19.88
C HIS A 6 -3.38 -3.09 20.05
N HIS A 7 -3.23 -2.31 18.99
CA HIS A 7 -3.64 -0.90 19.01
C HIS A 7 -5.09 -0.70 18.57
N HIS A 8 -5.60 0.52 18.74
CA HIS A 8 -6.94 0.90 18.28
C HIS A 8 -6.96 1.12 16.76
N SER A 9 -5.99 0.52 16.08
CA SER A 9 -5.88 0.61 14.64
C SER A 9 -6.43 -0.64 13.99
N LEU A 10 -6.72 -1.65 14.81
CA LEU A 10 -7.38 -2.87 14.32
C LEU A 10 -8.83 -2.54 13.91
N GLU A 11 -9.44 -1.58 14.59
CA GLU A 11 -10.83 -1.20 14.32
C GLU A 11 -11.00 0.22 13.76
N ALA A 12 -9.92 0.98 13.69
CA ALA A 12 -9.94 2.26 12.98
C ALA A 12 -9.94 1.97 11.47
N LEU A 13 -9.09 1.03 11.06
CA LEU A 13 -9.01 0.57 9.67
C LEU A 13 -10.35 0.06 9.19
N SER A 14 -11.32 0.02 10.10
CA SER A 14 -12.65 -0.46 9.75
C SER A 14 -13.51 0.75 9.41
N SER A 15 -13.23 1.87 10.07
CA SER A 15 -13.93 3.11 9.79
C SER A 15 -13.78 3.53 8.33
N TYR A 16 -12.53 3.59 7.90
CA TYR A 16 -12.18 3.93 6.55
C TYR A 16 -12.54 2.85 5.57
N GLN A 17 -12.34 1.63 5.98
CA GLN A 17 -12.42 0.53 5.06
C GLN A 17 -13.78 0.65 4.47
N GLN A 18 -14.71 1.15 5.25
CA GLN A 18 -16.03 1.35 4.69
C GLN A 18 -16.06 2.41 3.60
N ARG A 19 -15.41 3.55 3.81
CA ARG A 19 -15.50 4.65 2.87
C ARG A 19 -14.92 4.24 1.53
N ASN A 20 -13.76 3.65 1.61
CA ASN A 20 -13.02 3.10 0.49
C ASN A 20 -13.85 2.18 -0.40
N ASN A 21 -14.79 1.44 0.20
CA ASN A 21 -15.64 0.53 -0.55
C ASN A 21 -16.85 1.24 -1.12
N GLN A 22 -17.40 2.16 -0.33
CA GLN A 22 -18.46 3.02 -0.79
C GLN A 22 -17.95 3.82 -1.99
N GLN A 23 -16.72 4.31 -1.88
CA GLN A 23 -16.14 5.16 -2.89
C GLN A 23 -15.80 4.37 -4.15
N LEU A 24 -15.14 3.24 -3.99
CA LEU A 24 -14.74 2.40 -5.12
C LEU A 24 -15.97 1.91 -5.87
N ASP A 25 -17.14 2.10 -5.27
CA ASP A 25 -18.37 1.63 -5.86
C ASP A 25 -18.88 2.65 -6.88
N GLN A 26 -18.98 3.90 -6.45
CA GLN A 26 -19.34 4.99 -7.35
C GLN A 26 -18.49 4.92 -8.62
N TRP A 27 -17.23 4.51 -8.50
CA TRP A 27 -16.34 4.42 -9.65
C TRP A 27 -16.69 3.23 -10.54
N LEU A 28 -16.96 2.08 -9.93
CA LEU A 28 -17.35 0.91 -10.72
C LEU A 28 -18.71 1.16 -11.36
N ASN A 29 -19.55 1.92 -10.66
CA ASN A 29 -20.90 2.21 -11.16
C ASN A 29 -20.89 2.97 -12.47
N ARG A 30 -19.82 3.70 -12.71
CA ARG A 30 -19.68 4.49 -13.92
C ARG A 30 -19.51 3.64 -15.14
N ILE A 31 -18.92 2.47 -15.00
CA ILE A 31 -18.66 1.66 -16.16
C ILE A 31 -19.91 1.08 -16.79
N PRO A 32 -20.02 1.25 -18.10
CA PRO A 32 -21.12 0.70 -18.87
C PRO A 32 -20.96 -0.78 -19.11
N PHE A 33 -22.02 -1.47 -19.50
CA PHE A 33 -21.97 -2.92 -19.68
C PHE A 33 -21.72 -3.71 -18.40
N GLN A 34 -22.42 -3.34 -17.34
CA GLN A 34 -22.25 -3.99 -16.05
C GLN A 34 -22.57 -5.47 -16.11
N THR A 35 -23.56 -5.82 -16.88
CA THR A 35 -24.03 -7.21 -16.98
C THR A 35 -22.88 -8.06 -17.48
N LEU A 36 -21.92 -7.39 -18.08
CA LEU A 36 -20.74 -8.04 -18.58
C LEU A 36 -19.95 -8.57 -17.41
N PRO A 37 -19.27 -9.69 -17.63
CA PRO A 37 -18.45 -10.35 -16.62
C PRO A 37 -17.22 -9.62 -16.10
N LEU A 38 -16.46 -9.01 -16.98
CA LEU A 38 -15.23 -8.40 -16.54
C LEU A 38 -15.58 -7.35 -15.53
N ILE A 39 -16.55 -6.53 -15.85
CA ILE A 39 -17.01 -5.54 -14.86
C ILE A 39 -17.49 -6.20 -13.58
N GLU A 40 -17.49 -7.53 -13.57
CA GLU A 40 -17.90 -8.30 -12.40
C GLU A 40 -16.67 -8.72 -11.59
N ALA A 41 -15.72 -9.35 -12.28
CA ALA A 41 -14.46 -9.74 -11.67
C ALA A 41 -13.87 -8.53 -10.98
N MET A 42 -13.84 -7.41 -11.71
CA MET A 42 -13.40 -6.14 -11.16
C MET A 42 -14.12 -5.91 -9.85
N ARG A 43 -15.44 -6.02 -9.87
CA ARG A 43 -16.28 -5.68 -8.71
C ARG A 43 -16.03 -6.59 -7.50
N TYR A 44 -15.78 -7.88 -7.76
CA TYR A 44 -15.39 -8.81 -6.71
C TYR A 44 -13.94 -8.54 -6.32
N GLY A 45 -13.03 -8.94 -7.20
CA GLY A 45 -11.61 -8.74 -6.96
C GLY A 45 -11.22 -7.42 -6.33
N LEU A 46 -12.18 -6.50 -6.23
CA LEU A 46 -11.88 -5.16 -5.70
C LEU A 46 -12.60 -4.89 -4.38
N LEU A 47 -13.82 -5.38 -4.25
CA LEU A 47 -14.58 -5.18 -3.01
C LEU A 47 -14.36 -6.31 -1.99
N LEU A 48 -13.54 -7.29 -2.38
CA LEU A 48 -13.02 -8.30 -1.45
C LEU A 48 -11.80 -7.72 -0.75
N GLY A 49 -10.69 -7.63 -1.49
CA GLY A 49 -9.51 -6.87 -1.08
C GLY A 49 -8.75 -7.34 0.16
N GLY A 50 -8.77 -6.53 1.21
CA GLY A 50 -8.08 -6.84 2.46
C GLY A 50 -8.35 -5.82 3.56
N LYS A 51 -7.32 -5.50 4.34
CA LYS A 51 -7.46 -4.55 5.44
C LYS A 51 -7.48 -3.11 4.94
N ARG A 52 -7.00 -2.90 3.71
CA ARG A 52 -6.94 -1.58 3.08
C ARG A 52 -5.98 -0.67 3.83
N ALA A 53 -4.79 -1.17 4.11
CA ALA A 53 -3.82 -0.38 4.85
C ALA A 53 -3.43 0.86 4.05
N ARG A 54 -3.51 0.75 2.73
CA ARG A 54 -3.06 1.82 1.84
C ARG A 54 -4.02 3.00 1.85
N PRO A 55 -5.28 2.74 1.49
CA PRO A 55 -6.30 3.77 1.58
C PRO A 55 -6.25 4.45 2.94
N TYR A 56 -6.08 3.67 4.00
CA TYR A 56 -6.02 4.19 5.35
C TYR A 56 -4.83 5.12 5.48
N LEU A 57 -3.68 4.69 5.01
CA LEU A 57 -2.52 5.54 5.03
C LEU A 57 -2.73 6.87 4.30
N VAL A 58 -3.48 6.83 3.20
CA VAL A 58 -3.80 8.06 2.46
C VAL A 58 -4.61 8.99 3.37
N TYR A 59 -5.71 8.47 3.89
CA TYR A 59 -6.60 9.21 4.79
C TYR A 59 -5.90 9.87 6.00
N ILE A 60 -5.30 9.05 6.86
CA ILE A 60 -4.67 9.58 8.07
C ILE A 60 -3.55 10.55 7.74
N THR A 61 -2.78 10.28 6.70
CA THR A 61 -1.66 11.16 6.39
C THR A 61 -2.17 12.51 5.95
N GLY A 62 -3.25 12.51 5.19
CA GLY A 62 -3.79 13.75 4.65
C GLY A 62 -4.38 14.55 5.80
N GLN A 63 -5.24 13.90 6.58
CA GLN A 63 -5.83 14.54 7.75
C GLN A 63 -4.78 15.18 8.62
N MET A 64 -3.78 14.39 9.02
CA MET A 64 -2.65 14.93 9.78
C MET A 64 -2.18 16.24 9.16
N LEU A 65 -2.52 16.46 7.89
CA LEU A 65 -2.05 17.64 7.17
C LEU A 65 -3.15 18.66 6.85
N GLY A 66 -4.36 18.40 7.31
CA GLY A 66 -5.42 19.39 7.25
C GLY A 66 -6.48 19.12 6.20
N CYS A 67 -6.41 17.96 5.58
CA CYS A 67 -7.31 17.65 4.48
C CYS A 67 -8.63 17.12 4.99
N GLU A 68 -9.70 17.39 4.25
CA GLU A 68 -10.97 16.78 4.53
C GLU A 68 -10.92 15.41 3.90
N LEU A 69 -11.78 14.50 4.33
CA LEU A 69 -11.80 13.18 3.72
C LEU A 69 -12.21 13.27 2.26
N SER A 70 -13.05 14.27 1.96
CA SER A 70 -13.54 14.51 0.61
C SER A 70 -12.37 14.81 -0.31
N ASP A 71 -11.35 15.43 0.26
CA ASP A 71 -10.14 15.79 -0.48
C ASP A 71 -9.20 14.59 -0.68
N LEU A 72 -9.62 13.41 -0.23
CA LEU A 72 -8.70 12.28 -0.14
C LEU A 72 -9.24 11.00 -0.76
N ASP A 73 -10.53 10.98 -1.04
CA ASP A 73 -11.14 9.77 -1.59
C ASP A 73 -10.52 9.39 -2.92
N THR A 74 -10.04 10.40 -3.65
CA THR A 74 -9.42 10.18 -4.95
C THR A 74 -8.13 9.36 -4.82
N PRO A 75 -7.11 9.90 -4.12
CA PRO A 75 -5.91 9.06 -3.97
C PRO A 75 -6.24 7.74 -3.27
N ALA A 76 -7.12 7.80 -2.28
CA ALA A 76 -7.44 6.63 -1.48
C ALA A 76 -7.96 5.54 -2.41
N SER A 77 -8.98 5.88 -3.18
CA SER A 77 -9.58 4.92 -4.10
C SER A 77 -8.57 4.47 -5.15
N ALA A 78 -7.80 5.41 -5.68
CA ALA A 78 -6.83 5.09 -6.73
C ALA A 78 -5.85 4.03 -6.30
N VAL A 79 -5.30 4.20 -5.11
CA VAL A 79 -4.21 3.37 -4.65
C VAL A 79 -4.69 1.95 -4.38
N GLU A 80 -5.93 1.82 -3.91
CA GLU A 80 -6.47 0.50 -3.70
C GLU A 80 -6.64 -0.28 -5.00
N CYS A 81 -6.95 0.44 -6.08
CA CYS A 81 -7.09 -0.19 -7.40
C CYS A 81 -5.80 -0.86 -7.85
N ILE A 82 -4.66 -0.21 -7.60
CA ILE A 82 -3.37 -0.83 -7.93
C ILE A 82 -3.16 -2.06 -7.06
N HIS A 83 -3.36 -1.91 -5.76
CA HIS A 83 -3.18 -3.03 -4.86
C HIS A 83 -3.99 -4.22 -5.39
N ALA A 84 -5.28 -4.01 -5.58
CA ALA A 84 -6.21 -5.07 -6.03
C ALA A 84 -5.76 -5.74 -7.33
N TYR A 85 -5.48 -4.95 -8.34
CA TYR A 85 -4.95 -5.49 -9.58
C TYR A 85 -3.77 -6.44 -9.28
N SER A 86 -2.81 -5.98 -8.48
CA SER A 86 -1.60 -6.74 -8.18
C SER A 86 -1.85 -8.13 -7.57
N LEU A 87 -2.84 -8.22 -6.68
CA LEU A 87 -3.19 -9.51 -6.11
C LEU A 87 -3.69 -10.43 -7.22
N ILE A 88 -4.72 -9.98 -7.91
CA ILE A 88 -5.33 -10.76 -8.98
C ILE A 88 -4.29 -11.37 -9.93
N HIS A 89 -3.30 -10.61 -10.33
CA HIS A 89 -2.27 -11.11 -11.18
C HIS A 89 -1.41 -12.10 -10.42
N ASP A 90 -1.27 -11.87 -9.13
CA ASP A 90 -0.44 -12.73 -8.29
C ASP A 90 -0.95 -14.16 -8.21
N ASP A 91 -2.26 -14.31 -8.20
CA ASP A 91 -2.92 -15.59 -8.03
C ASP A 91 -3.05 -16.37 -9.33
N LEU A 92 -2.36 -15.92 -10.34
CA LEU A 92 -2.44 -16.62 -11.61
C LEU A 92 -1.72 -17.94 -11.69
N PRO A 93 -2.39 -18.92 -12.28
CA PRO A 93 -1.72 -20.17 -12.62
C PRO A 93 -0.29 -19.87 -13.06
N ALA A 94 -0.12 -19.01 -14.03
CA ALA A 94 1.22 -18.79 -14.50
C ALA A 94 2.10 -18.51 -13.31
N MET A 95 1.74 -17.51 -12.53
CA MET A 95 2.57 -17.08 -11.42
C MET A 95 2.77 -18.02 -10.23
N ASP A 96 1.67 -18.54 -9.67
CA ASP A 96 1.75 -19.40 -8.50
C ASP A 96 2.36 -20.80 -8.69
N ASP A 97 2.02 -21.44 -9.80
CA ASP A 97 2.41 -22.83 -10.01
C ASP A 97 3.72 -23.24 -9.36
N ASP A 112 -12.03 -17.69 -18.01
CA ASP A 112 -12.08 -16.96 -16.74
C ASP A 112 -10.78 -17.06 -15.95
N GLU A 113 -9.69 -17.29 -16.67
CA GLU A 113 -8.38 -17.10 -16.14
C GLU A 113 -8.08 -15.86 -16.94
N ALA A 114 -8.27 -15.98 -18.25
CA ALA A 114 -8.09 -14.83 -19.11
C ALA A 114 -8.90 -13.68 -18.56
N THR A 115 -10.03 -13.99 -17.93
CA THR A 115 -10.86 -12.97 -17.27
C THR A 115 -10.16 -12.40 -16.03
N ALA A 116 -9.36 -13.22 -15.36
CA ALA A 116 -8.55 -12.72 -14.25
C ALA A 116 -7.46 -11.78 -14.77
N ILE A 117 -6.83 -12.17 -15.87
CA ILE A 117 -5.85 -11.31 -16.50
C ILE A 117 -6.47 -9.95 -16.84
N LEU A 118 -7.56 -9.96 -17.60
CA LEU A 118 -8.19 -8.72 -17.99
C LEU A 118 -8.57 -7.88 -16.79
N THR A 119 -9.20 -8.50 -15.80
CA THR A 119 -9.67 -7.78 -14.63
C THR A 119 -8.54 -7.09 -13.88
N GLY A 120 -7.34 -7.68 -13.94
CA GLY A 120 -6.17 -7.06 -13.36
C GLY A 120 -5.86 -5.81 -14.16
N ASP A 121 -5.60 -6.00 -15.45
CA ASP A 121 -5.31 -4.92 -16.38
C ASP A 121 -6.27 -3.74 -16.26
N ALA A 122 -7.57 -4.03 -16.18
CA ALA A 122 -8.58 -2.98 -16.10
C ALA A 122 -8.57 -2.22 -14.77
N LEU A 123 -8.08 -2.87 -13.73
CA LEU A 123 -8.03 -2.21 -12.42
C LEU A 123 -6.83 -1.26 -12.34
N GLN A 124 -5.68 -1.66 -12.88
CA GLN A 124 -4.58 -0.72 -13.01
C GLN A 124 -5.05 0.52 -13.77
N THR A 125 -5.62 0.32 -14.97
CA THR A 125 -6.17 1.43 -15.74
C THR A 125 -7.15 2.27 -14.92
N LEU A 126 -8.06 1.59 -14.23
CA LEU A 126 -9.06 2.27 -13.38
C LEU A 126 -8.41 3.19 -12.36
N ALA A 127 -7.24 2.79 -11.87
CA ALA A 127 -6.56 3.54 -10.83
C ALA A 127 -6.16 4.92 -11.37
N PHE A 128 -5.75 4.94 -12.62
CA PHE A 128 -5.32 6.18 -13.23
C PHE A 128 -6.50 7.00 -13.69
N THR A 129 -7.54 6.33 -14.19
CA THR A 129 -8.79 7.02 -14.45
C THR A 129 -9.15 7.84 -13.23
N ILE A 130 -9.12 7.20 -12.05
CA ILE A 130 -9.47 7.86 -10.79
C ILE A 130 -8.58 9.07 -10.47
N LEU A 131 -7.27 8.90 -10.56
CA LEU A 131 -6.35 9.99 -10.27
C LEU A 131 -6.54 11.13 -11.27
N ALA A 132 -6.82 10.78 -12.52
CA ALA A 132 -7.07 11.76 -13.58
C ALA A 132 -8.37 12.53 -13.40
N GLU A 133 -9.43 11.83 -12.96
CA GLU A 133 -10.80 12.35 -13.00
C GLU A 133 -11.40 12.79 -11.67
N GLY A 134 -10.94 12.20 -10.57
CA GLY A 134 -11.58 12.46 -9.27
C GLY A 134 -11.34 13.84 -8.71
N ASP A 135 -12.23 14.27 -7.81
CA ASP A 135 -12.13 15.58 -7.17
C ASP A 135 -10.93 15.70 -6.25
N LEU A 136 -10.45 16.93 -6.12
CA LEU A 136 -9.32 17.22 -5.28
C LEU A 136 -9.49 18.65 -4.79
N SER A 137 -9.02 18.94 -3.57
CA SER A 137 -9.00 20.31 -3.11
C SER A 137 -8.20 21.13 -4.11
N ALA A 138 -8.22 22.44 -3.96
CA ALA A 138 -7.44 23.28 -4.85
C ALA A 138 -5.97 23.06 -4.61
N ALA A 139 -5.64 22.75 -3.36
CA ALA A 139 -4.28 22.39 -2.96
C ALA A 139 -3.86 21.07 -3.63
N GLY A 140 -4.74 20.08 -3.54
CA GLY A 140 -4.56 18.82 -4.26
C GLY A 140 -4.35 18.98 -5.75
N GLU A 141 -5.20 19.76 -6.41
CA GLU A 141 -5.10 19.93 -7.86
C GLU A 141 -3.67 20.21 -8.27
N THR A 142 -3.01 21.07 -7.49
CA THR A 142 -1.65 21.49 -7.82
C THR A 142 -0.71 20.29 -7.88
N GLN A 143 -1.15 19.17 -7.31
CA GLN A 143 -0.30 17.99 -7.22
C GLN A 143 -0.85 16.78 -8.00
N ARG A 144 -1.90 16.99 -8.78
CA ARG A 144 -2.52 15.87 -9.48
C ARG A 144 -1.52 15.15 -10.39
N VAL A 145 -0.80 15.92 -11.19
CA VAL A 145 0.27 15.34 -12.01
C VAL A 145 1.32 14.63 -11.15
N ALA A 146 1.66 15.22 -10.00
CA ALA A 146 2.65 14.60 -9.11
C ALA A 146 2.12 13.30 -8.47
N MET A 147 0.81 13.20 -8.27
CA MET A 147 0.17 11.98 -7.76
C MET A 147 0.22 10.87 -8.81
N LEU A 148 0.09 11.25 -10.07
CA LEU A 148 0.11 10.26 -11.11
C LEU A 148 1.55 9.77 -11.31
N GLN A 149 2.53 10.67 -11.32
CA GLN A 149 3.89 10.21 -11.51
C GLN A 149 4.29 9.28 -10.35
N ALA A 150 3.82 9.59 -9.14
CA ALA A 150 4.20 8.81 -7.97
C ALA A 150 3.53 7.45 -7.96
N LEU A 151 2.30 7.40 -8.45
CA LEU A 151 1.59 6.13 -8.56
C LEU A 151 2.15 5.27 -9.70
N ALA A 152 2.54 5.89 -10.80
CA ALA A 152 3.12 5.11 -11.89
C ALA A 152 4.49 4.61 -11.45
N GLU A 153 5.30 5.50 -10.88
CA GLU A 153 6.64 5.15 -10.41
C GLU A 153 6.64 4.02 -9.40
N ALA A 154 5.68 4.02 -8.50
CA ALA A 154 5.62 3.00 -7.47
C ALA A 154 5.09 1.69 -8.01
N SER A 155 4.43 1.74 -9.15
CA SER A 155 3.72 0.55 -9.64
C SER A 155 4.43 -0.21 -10.75
N GLY A 156 5.33 0.46 -11.46
CA GLY A 156 5.95 -0.12 -12.64
C GLY A 156 7.27 -0.85 -12.42
N ALA A 157 8.13 -0.79 -13.43
CA ALA A 157 9.42 -1.50 -13.42
C ALA A 157 10.39 -0.85 -12.46
N GLN A 158 9.89 0.12 -11.70
CA GLN A 158 10.73 0.78 -10.73
C GLN A 158 10.14 0.60 -9.34
N GLY A 159 9.15 -0.27 -9.23
CA GLY A 159 8.55 -0.56 -7.96
C GLY A 159 7.90 -1.91 -7.96
N MET A 160 6.61 -1.91 -7.69
CA MET A 160 5.86 -3.14 -7.57
C MET A 160 6.19 -4.20 -8.64
N CYS A 161 6.59 -3.76 -9.83
CA CYS A 161 6.87 -4.71 -10.91
C CYS A 161 8.32 -5.17 -10.86
N LEU A 162 9.21 -4.24 -10.58
CA LEU A 162 10.61 -4.56 -10.47
C LEU A 162 10.78 -5.49 -9.28
N GLY A 163 9.88 -5.40 -8.31
CA GLY A 163 10.00 -6.17 -7.08
C GLY A 163 9.36 -7.52 -7.24
N GLN A 164 8.42 -7.61 -8.16
CA GLN A 164 7.76 -8.88 -8.46
C GLN A 164 8.67 -9.67 -9.41
N ALA A 165 9.43 -8.93 -10.20
CA ALA A 165 10.44 -9.52 -11.08
C ALA A 165 11.56 -10.14 -10.26
N LEU A 166 11.83 -9.57 -9.10
CA LEU A 166 12.93 -10.04 -8.27
C LEU A 166 12.49 -11.25 -7.45
N ASP A 167 11.25 -11.25 -7.00
CA ASP A 167 10.71 -12.41 -6.32
C ASP A 167 10.53 -13.56 -7.30
N LEU A 168 10.80 -13.27 -8.57
CA LEU A 168 10.79 -14.28 -9.62
C LEU A 168 12.00 -15.17 -9.41
N ALA A 169 13.18 -14.64 -9.73
CA ALA A 169 14.44 -15.36 -9.56
C ALA A 169 14.60 -15.94 -8.14
N ALA A 170 14.13 -15.23 -7.15
CA ALA A 170 14.31 -15.68 -5.78
C ALA A 170 13.46 -16.86 -5.41
N GLU A 171 12.47 -17.18 -6.22
CA GLU A 171 11.57 -18.23 -5.79
C GLU A 171 12.28 -19.55 -5.60
N ASN A 172 13.11 -19.94 -6.55
CA ASN A 172 13.82 -21.19 -6.38
C ASN A 172 14.91 -21.24 -5.30
N ARG A 173 15.77 -20.24 -5.31
CA ARG A 173 16.96 -20.20 -4.48
C ARG A 173 16.70 -19.69 -3.09
N LEU A 174 17.68 -19.79 -2.20
CA LEU A 174 17.56 -19.07 -0.93
C LEU A 174 18.52 -17.88 -1.10
N ILE A 175 18.17 -16.73 -0.51
CA ILE A 175 18.87 -15.50 -0.87
C ILE A 175 19.49 -14.68 0.26
N SER A 176 20.30 -13.70 -0.15
CA SER A 176 20.91 -12.71 0.71
C SER A 176 19.83 -11.93 1.46
N LEU A 177 20.09 -11.61 2.73
CA LEU A 177 19.19 -10.75 3.51
C LEU A 177 18.93 -9.45 2.76
N GLU A 178 19.98 -8.86 2.19
CA GLU A 178 19.87 -7.70 1.34
C GLU A 178 18.85 -7.97 0.23
N GLU A 179 19.22 -8.86 -0.68
CA GLU A 179 18.32 -9.31 -1.73
C GLU A 179 16.87 -9.43 -1.25
N LEU A 180 16.67 -10.09 -0.10
CA LEU A 180 15.32 -10.31 0.42
C LEU A 180 14.64 -8.99 0.79
N GLU A 181 15.43 -8.02 1.21
CA GLU A 181 14.87 -6.75 1.60
C GLU A 181 14.57 -5.97 0.32
N THR A 182 15.52 -5.95 -0.60
CA THR A 182 15.32 -5.28 -1.87
C THR A 182 14.06 -5.80 -2.56
N ILE A 183 13.76 -7.07 -2.35
CA ILE A 183 12.53 -7.60 -2.86
C ILE A 183 11.30 -6.97 -2.19
N HIS A 184 11.17 -7.12 -0.87
CA HIS A 184 10.04 -6.51 -0.12
C HIS A 184 9.94 -4.98 -0.27
N ARG A 185 11.10 -4.35 -0.42
CA ARG A 185 11.19 -2.91 -0.56
CA ARG A 185 11.20 -2.92 -0.57
C ARG A 185 10.42 -2.47 -1.80
N ASN A 186 10.70 -3.11 -2.93
CA ASN A 186 10.05 -2.78 -4.18
C ASN A 186 8.66 -3.40 -4.31
N LYS A 187 8.51 -4.64 -3.85
CA LYS A 187 7.26 -5.36 -4.07
C LYS A 187 6.18 -4.96 -3.07
N THR A 188 6.57 -4.39 -1.95
CA THR A 188 5.60 -3.96 -0.93
C THR A 188 5.84 -2.55 -0.43
N GLY A 189 7.11 -2.14 -0.40
CA GLY A 189 7.44 -0.83 0.12
C GLY A 189 6.95 0.29 -0.78
N ALA A 190 7.21 0.13 -2.08
CA ALA A 190 6.93 1.19 -3.04
C ALA A 190 5.48 1.64 -2.98
N LEU A 191 4.54 0.70 -3.09
CA LEU A 191 3.12 1.06 -3.08
C LEU A 191 2.69 1.64 -1.74
N MET A 192 3.25 1.13 -0.65
CA MET A 192 2.86 1.63 0.66
C MET A 192 3.40 3.04 0.88
N ARG A 193 4.64 3.27 0.49
CA ARG A 193 5.21 4.62 0.50
C ARG A 193 4.41 5.53 -0.43
N CYS A 194 3.77 4.92 -1.41
CA CYS A 194 3.01 5.67 -2.38
C CYS A 194 1.72 6.16 -1.74
N ALA A 195 1.00 5.25 -1.08
CA ALA A 195 -0.23 5.63 -0.38
C ALA A 195 0.01 6.83 0.57
N ILE A 196 1.15 6.82 1.23
CA ILE A 196 1.51 7.90 2.13
C ILE A 196 1.82 9.19 1.36
N ARG A 197 2.59 9.09 0.28
CA ARG A 197 2.90 10.25 -0.57
C ARG A 197 1.64 10.88 -1.13
N LEU A 198 0.70 10.04 -1.57
CA LEU A 198 -0.56 10.52 -2.11
C LEU A 198 -1.28 11.35 -1.05
N GLY A 199 -1.56 10.71 0.10
CA GLY A 199 -2.15 11.39 1.24
C GLY A 199 -1.55 12.77 1.48
N ALA A 200 -0.22 12.85 1.45
CA ALA A 200 0.46 14.14 1.66
C ALA A 200 0.24 15.15 0.55
N LEU A 201 0.31 14.68 -0.70
CA LEU A 201 0.19 15.56 -1.87
C LEU A 201 -1.20 16.17 -1.98
N ALA A 202 -2.18 15.47 -1.43
CA ALA A 202 -3.58 15.95 -1.40
C ALA A 202 -3.68 17.27 -0.66
N ALA A 203 -2.66 17.60 0.11
CA ALA A 203 -2.63 18.83 0.86
C ALA A 203 -1.71 19.82 0.21
N GLY A 204 -1.29 19.53 -1.02
CA GLY A 204 -0.54 20.50 -1.82
C GLY A 204 0.91 20.60 -1.41
N GLU A 205 1.53 21.74 -1.70
CA GLU A 205 2.96 21.91 -1.44
C GLU A 205 3.34 21.75 0.03
N LYS A 206 2.44 22.12 0.93
CA LYS A 206 2.67 21.89 2.35
C LYS A 206 2.89 20.41 2.65
N GLY A 207 2.02 19.56 2.12
CA GLY A 207 2.21 18.10 2.21
C GLY A 207 3.47 17.64 1.51
N ARG A 208 3.72 18.14 0.32
CA ARG A 208 4.87 17.70 -0.45
C ARG A 208 6.17 17.94 0.29
N ALA A 209 6.23 19.03 1.03
CA ALA A 209 7.46 19.41 1.70
C ALA A 209 7.80 18.44 2.83
N MET A 210 6.82 17.65 3.23
CA MET A 210 7.02 16.70 4.31
C MET A 210 7.47 15.31 3.81
N LEU A 211 7.61 15.16 2.50
CA LEU A 211 7.85 13.84 1.90
C LEU A 211 9.13 13.14 2.38
N PRO A 212 10.23 13.89 2.48
CA PRO A 212 11.48 13.26 2.93
C PRO A 212 11.26 12.48 4.23
N HIS A 213 10.58 13.08 5.19
CA HIS A 213 10.37 12.44 6.47
C HIS A 213 9.39 11.30 6.31
N LEU A 214 8.32 11.57 5.58
CA LEU A 214 7.30 10.55 5.35
C LEU A 214 7.86 9.35 4.60
N ASP A 215 8.80 9.62 3.69
CA ASP A 215 9.47 8.55 2.95
C ASP A 215 10.21 7.61 3.93
N ARG A 216 11.17 8.17 4.68
CA ARG A 216 11.87 7.44 5.74
C ARG A 216 10.87 6.58 6.53
N TYR A 217 9.82 7.22 7.01
CA TYR A 217 8.79 6.51 7.75
C TYR A 217 8.26 5.34 6.93
N ALA A 218 7.82 5.63 5.72
CA ALA A 218 7.25 4.62 4.83
C ALA A 218 8.18 3.42 4.62
N GLU A 219 9.44 3.70 4.29
CA GLU A 219 10.39 2.63 4.05
C GLU A 219 10.54 1.72 5.26
N ALA A 220 10.67 2.31 6.44
CA ALA A 220 10.81 1.52 7.65
C ALA A 220 9.55 0.70 7.90
N VAL A 221 8.39 1.33 7.74
CA VAL A 221 7.14 0.65 8.05
C VAL A 221 6.79 -0.41 7.01
N GLY A 222 7.16 -0.17 5.76
CA GLY A 222 6.92 -1.12 4.67
C GLY A 222 7.70 -2.41 4.88
N LEU A 223 8.98 -2.26 5.21
CA LEU A 223 9.87 -3.39 5.48
C LEU A 223 9.45 -4.19 6.72
N ALA A 224 9.20 -3.47 7.81
CA ALA A 224 8.83 -4.09 9.08
C ALA A 224 7.57 -4.89 8.94
N PHE A 225 6.73 -4.50 7.99
CA PHE A 225 5.46 -5.21 7.81
C PHE A 225 5.76 -6.65 7.38
N GLN A 226 6.72 -6.80 6.48
CA GLN A 226 7.12 -8.12 5.99
C GLN A 226 7.77 -8.95 7.09
N VAL A 227 8.75 -8.36 7.76
CA VAL A 227 9.47 -9.05 8.81
C VAL A 227 8.49 -9.62 9.83
N GLN A 228 7.49 -8.83 10.20
CA GLN A 228 6.53 -9.27 11.21
C GLN A 228 5.52 -10.29 10.68
N ASP A 229 5.48 -10.49 9.37
CA ASP A 229 4.67 -11.58 8.85
C ASP A 229 5.40 -12.85 9.22
N ASP A 230 6.50 -13.10 8.51
CA ASP A 230 7.36 -14.23 8.81
C ASP A 230 7.39 -14.59 10.29
N ILE A 231 7.45 -13.58 11.17
CA ILE A 231 7.49 -13.84 12.59
C ILE A 231 6.16 -14.42 13.08
N LEU A 232 5.08 -14.08 12.39
CA LEU A 232 3.78 -14.61 12.76
C LEU A 232 3.55 -15.96 12.09
N ASP A 233 4.19 -16.17 10.94
CA ASP A 233 4.22 -17.48 10.30
C ASP A 233 4.83 -18.52 11.23
N ILE A 234 6.03 -18.22 11.72
CA ILE A 234 6.75 -19.13 12.57
C ILE A 234 6.06 -19.34 13.93
N ILE A 235 5.36 -18.32 14.41
CA ILE A 235 4.76 -18.39 15.75
C ILE A 235 3.25 -18.68 15.75
N SER A 236 2.82 -19.66 14.95
CA SER A 236 1.41 -20.06 14.94
C SER A 236 1.22 -21.58 14.81
N ASP A 237 2.34 -22.30 14.69
CA ASP A 237 2.31 -23.75 14.53
C ASP A 237 1.58 -24.44 15.68
N LYS A 253 12.73 -21.89 2.82
CA LYS A 253 12.83 -20.77 1.89
C LYS A 253 13.74 -19.68 2.44
N SER A 254 13.65 -18.49 1.83
CA SER A 254 14.35 -17.32 2.32
C SER A 254 13.42 -16.42 3.14
N THR A 255 13.39 -16.65 4.45
CA THR A 255 12.55 -15.87 5.34
C THR A 255 13.38 -15.06 6.33
N TYR A 256 12.84 -13.92 6.76
CA TYR A 256 13.55 -13.06 7.71
C TYR A 256 14.04 -13.85 8.92
N PRO A 257 13.21 -14.77 9.41
CA PRO A 257 13.56 -15.59 10.57
C PRO A 257 14.69 -16.56 10.26
N ALA A 258 14.70 -17.09 9.04
CA ALA A 258 15.74 -18.04 8.63
C ALA A 258 17.09 -17.36 8.51
N LEU A 259 17.10 -16.16 7.95
CA LEU A 259 18.34 -15.40 7.78
C LEU A 259 18.85 -14.71 9.06
N LEU A 260 18.04 -14.72 10.12
CA LEU A 260 18.37 -13.97 11.34
C LEU A 260 17.94 -14.72 12.59
N GLY A 261 17.16 -15.77 12.42
CA GLY A 261 16.60 -16.50 13.55
C GLY A 261 15.45 -15.73 14.17
N LEU A 262 14.56 -16.45 14.85
CA LEU A 262 13.37 -15.84 15.43
C LEU A 262 13.69 -14.54 16.19
N GLU A 263 14.62 -14.64 17.14
CA GLU A 263 14.96 -13.50 17.97
C GLU A 263 15.70 -12.43 17.16
N GLY A 264 16.47 -12.88 16.17
CA GLY A 264 17.23 -11.96 15.33
C GLY A 264 16.31 -11.11 14.47
N ALA A 265 15.16 -11.67 14.11
CA ALA A 265 14.17 -10.98 13.29
C ALA A 265 13.40 -9.99 14.14
N GLN A 266 12.89 -10.46 15.27
CA GLN A 266 12.15 -9.59 16.15
C GLN A 266 12.98 -8.36 16.52
N GLN A 267 14.29 -8.56 16.63
CA GLN A 267 15.15 -7.44 16.93
C GLN A 267 15.12 -6.45 15.76
N LYS A 268 15.03 -6.99 14.54
CA LYS A 268 14.98 -6.15 13.35
C LYS A 268 13.66 -5.36 13.26
N ALA A 269 12.55 -6.03 13.50
CA ALA A 269 11.24 -5.38 13.50
C ALA A 269 11.19 -4.23 14.50
N HIS A 270 11.71 -4.48 15.70
CA HIS A 270 11.72 -3.48 16.75
C HIS A 270 12.62 -2.31 16.33
N THR A 271 13.71 -2.62 15.66
CA THR A 271 14.64 -1.58 15.23
C THR A 271 13.98 -0.72 14.15
N LEU A 272 13.14 -1.35 13.34
CA LEU A 272 12.45 -0.64 12.27
C LEU A 272 11.34 0.23 12.87
N LEU A 273 10.63 -0.27 13.88
CA LEU A 273 9.65 0.58 14.57
C LEU A 273 10.32 1.79 15.18
N GLN A 274 11.55 1.62 15.63
CA GLN A 274 12.30 2.74 16.16
C GLN A 274 12.72 3.73 15.05
N GLU A 275 12.99 3.18 13.87
CA GLU A 275 13.39 3.97 12.72
C GLU A 275 12.21 4.83 12.26
N ALA A 276 11.02 4.22 12.23
CA ALA A 276 9.80 4.90 11.81
C ALA A 276 9.56 6.06 12.75
N LEU A 277 9.29 5.72 14.02
CA LEU A 277 9.05 6.72 15.05
C LEU A 277 10.11 7.82 15.04
N LEU A 278 11.36 7.47 14.81
CA LEU A 278 12.40 8.50 14.77
C LEU A 278 12.17 9.45 13.61
N ALA A 279 11.60 8.92 12.53
CA ALA A 279 11.34 9.71 11.33
C ALA A 279 10.18 10.71 11.53
N LEU A 280 9.11 10.23 12.15
CA LEU A 280 7.91 11.02 12.46
C LEU A 280 8.21 12.22 13.38
N GLU A 281 9.30 12.13 14.11
CA GLU A 281 9.67 13.19 15.03
C GLU A 281 10.11 14.44 14.29
N ALA A 282 10.48 14.29 13.02
CA ALA A 282 10.90 15.44 12.21
C ALA A 282 9.69 16.21 11.67
N ILE A 283 8.50 15.61 11.79
CA ILE A 283 7.28 16.16 11.22
C ILE A 283 6.52 17.05 12.23
N PRO A 284 6.37 18.35 11.91
CA PRO A 284 5.75 19.28 12.84
C PRO A 284 4.25 19.19 12.97
N TYR A 285 3.65 18.01 12.80
CA TYR A 285 2.19 17.88 12.85
C TYR A 285 1.83 16.72 13.76
N ASN A 286 0.54 16.52 14.00
CA ASN A 286 0.08 15.42 14.87
C ASN A 286 0.36 14.04 14.26
N THR A 287 1.54 13.52 14.60
CA THR A 287 2.03 12.23 14.10
C THR A 287 1.41 11.04 14.84
N GLU A 288 0.37 11.29 15.60
CA GLU A 288 -0.20 10.28 16.48
C GLU A 288 -0.65 9.02 15.78
N HIS A 289 -1.43 9.18 14.72
CA HIS A 289 -2.06 8.05 14.08
C HIS A 289 -1.09 7.24 13.23
N LEU A 290 -0.04 7.91 12.74
CA LEU A 290 1.01 7.27 11.94
C LEU A 290 1.89 6.42 12.84
N GLU A 291 2.48 7.07 13.84
CA GLU A 291 3.26 6.35 14.84
C GLU A 291 2.46 5.18 15.38
N GLU A 292 1.19 5.42 15.67
CA GLU A 292 0.29 4.36 16.13
C GLU A 292 0.15 3.23 15.11
N PHE A 293 0.17 3.58 13.83
CA PHE A 293 0.05 2.57 12.79
C PHE A 293 1.32 1.74 12.71
N ALA A 294 2.46 2.38 12.95
CA ALA A 294 3.73 1.65 12.98
C ALA A 294 3.70 0.55 14.05
N ARG A 295 3.46 0.95 15.30
CA ARG A 295 3.30 -0.02 16.37
C ARG A 295 2.38 -1.16 15.92
N TYR A 296 1.20 -0.84 15.41
CA TYR A 296 0.29 -1.92 14.99
C TYR A 296 0.96 -2.91 14.03
N VAL A 297 1.82 -2.42 13.15
CA VAL A 297 2.45 -3.31 12.18
C VAL A 297 3.23 -4.43 12.86
N VAL A 298 3.98 -4.09 13.90
CA VAL A 298 4.84 -5.06 14.56
C VAL A 298 4.20 -5.71 15.79
N GLU A 299 3.18 -5.08 16.37
CA GLU A 299 2.55 -5.62 17.57
C GLU A 299 1.37 -6.51 17.23
N ARG A 300 1.09 -6.65 15.94
CA ARG A 300 -0.12 -7.37 15.54
C ARG A 300 -0.04 -8.87 15.78
N LYS A 301 -1.15 -9.42 16.27
CA LYS A 301 -1.35 -10.86 16.40
C LYS A 301 -1.94 -11.40 15.10
N ASN A 302 -2.33 -10.47 14.21
CA ASN A 302 -2.84 -10.80 12.89
C ASN A 302 -2.39 -12.18 12.41
#